data_4MFI
#
_entry.id   4MFI
#
_cell.length_a   154.745
_cell.length_b   72.200
_cell.length_c   41.817
_cell.angle_alpha   90.00
_cell.angle_beta   96.41
_cell.angle_gamma   90.00
#
_symmetry.space_group_name_H-M   'C 1 2 1'
#
loop_
_entity.id
_entity.type
_entity.pdbx_description
1 polymer 'Sn-glycerol-3-phosphate ABC transporter substrate-binding protein UspB'
2 water water
#
_entity_poly.entity_id   1
_entity_poly.type   'polypeptide(L)'
_entity_poly.pdbx_seq_one_letter_code
;MDPLNRRQFLALAAAAAGVTAGCAGMGGGGSVKSGSGPIDFWSSHPGQSSAAERELIGRFQDRFPTLSVKLIDAGKDYDE
VAQKFNAALIGTDVPDVVLLDDRWWFHFALSGVLTALDDLFGQVGVDTTDYVDSLLADYEFNGRHYAVPYARSTPLFYYN
KAAWQQAGLPDRGPQSWSEFDEWGPELQRVVGAGRSAHGWANADLISWTFQGPNWAFGGAYSDKWTLTLTEPATIAAGNF
YRNSIHGKGYAAVANDIANEFATGILASAVASTGSLAGITASARFDFGAAPLPTGPDAAPACPTGGAGLAIPAKLSEERK
VNALKFIAFVTNPTNTAYFSQQTGYLPVRKSAVDDASERHYLADNPRARVALDQLPHTRTQDYARVFLPGGDRIISAGLE
SIGLRGADVTKTFTNIQKRLQVILDRQIMRKLAGHG
;
_entity_poly.pdbx_strand_id   A
#
# COMPACT_ATOMS: atom_id res chain seq x y z
N SER A 31 -15.40 10.19 -30.28
CA SER A 31 -14.31 9.35 -29.78
C SER A 31 -13.97 9.64 -28.32
N VAL A 32 -14.33 10.83 -27.84
CA VAL A 32 -14.08 11.15 -26.43
C VAL A 32 -15.31 11.61 -25.67
N LYS A 33 -15.21 11.54 -24.34
CA LYS A 33 -16.22 12.09 -23.45
C LYS A 33 -16.08 13.60 -23.44
N SER A 34 -17.10 14.27 -23.95
CA SER A 34 -17.07 15.72 -24.05
C SER A 34 -18.36 16.28 -23.47
N GLY A 35 -18.50 17.60 -23.46
CA GLY A 35 -19.72 18.19 -22.97
C GLY A 35 -19.66 18.60 -21.51
N SER A 36 -20.80 19.04 -20.99
CA SER A 36 -20.84 19.74 -19.70
C SER A 36 -21.56 18.98 -18.59
N GLY A 37 -21.69 17.66 -18.72
CA GLY A 37 -22.26 16.86 -17.65
C GLY A 37 -21.31 16.88 -16.46
N PRO A 38 -21.82 16.49 -15.28
CA PRO A 38 -21.01 16.51 -14.05
C PRO A 38 -19.74 15.67 -14.15
N ILE A 39 -18.75 16.01 -13.35
CA ILE A 39 -17.56 15.19 -13.18
C ILE A 39 -17.96 13.86 -12.53
N ASP A 40 -17.74 12.75 -13.25
CA ASP A 40 -18.08 11.43 -12.73
C ASP A 40 -16.89 10.82 -12.00
N PHE A 41 -17.03 10.66 -10.69
CA PHE A 41 -15.97 10.15 -9.82
C PHE A 41 -16.33 8.72 -9.41
N TRP A 42 -15.58 7.77 -9.94
CA TRP A 42 -15.80 6.35 -9.65
C TRP A 42 -14.91 5.90 -8.50
N SER A 43 -15.56 5.56 -7.40
CA SER A 43 -14.84 5.13 -6.19
C SER A 43 -15.45 3.86 -5.60
N SER A 44 -14.63 3.10 -4.90
CA SER A 44 -15.11 1.96 -4.12
C SER A 44 -15.35 2.37 -2.66
N HIS A 45 -15.16 3.65 -2.37
CA HIS A 45 -15.31 4.17 -1.02
C HIS A 45 -14.45 3.40 -0.02
N PRO A 46 -13.14 3.35 -0.26
CA PRO A 46 -12.27 2.51 0.59
C PRO A 46 -12.31 2.96 2.05
N GLY A 47 -12.29 2.00 2.97
CA GLY A 47 -12.42 2.32 4.38
C GLY A 47 -13.78 2.87 4.74
N GLN A 48 -14.81 2.45 3.98
CA GLN A 48 -16.19 2.87 4.20
C GLN A 48 -16.32 4.39 4.23
N SER A 49 -15.79 5.02 3.18
CA SER A 49 -15.53 6.46 3.20
C SER A 49 -16.50 7.29 2.39
N SER A 50 -17.66 6.76 2.05
CA SER A 50 -18.59 7.51 1.20
C SER A 50 -19.01 8.84 1.84
N ALA A 51 -19.24 8.86 3.15
CA ALA A 51 -19.56 10.11 3.84
C ALA A 51 -18.43 11.13 3.73
N ALA A 52 -17.18 10.69 3.92
CA ALA A 52 -16.04 11.59 3.80
C ALA A 52 -15.90 12.10 2.38
N GLU A 53 -16.16 11.23 1.41
CA GLU A 53 -16.09 11.62 0.00
C GLU A 53 -17.18 12.63 -0.35
N ARG A 54 -18.39 12.43 0.15
CA ARG A 54 -19.45 13.41 -0.07
C ARG A 54 -19.10 14.78 0.54
N GLU A 55 -18.44 14.76 1.68
CA GLU A 55 -18.01 16.00 2.31
C GLU A 55 -16.95 16.71 1.46
N LEU A 56 -16.00 15.94 0.93
CA LEU A 56 -14.97 16.53 0.08
C LEU A 56 -15.57 17.10 -1.20
N ILE A 57 -16.56 16.40 -1.76
CA ILE A 57 -17.27 16.89 -2.95
C ILE A 57 -17.98 18.21 -2.65
N GLY A 58 -18.59 18.29 -1.47
CA GLY A 58 -19.27 19.52 -1.06
C GLY A 58 -18.30 20.67 -0.96
N ARG A 59 -17.13 20.41 -0.38
CA ARG A 59 -16.08 21.43 -0.28
C ARG A 59 -15.62 21.87 -1.67
N PHE A 60 -15.48 20.90 -2.58
CA PHE A 60 -15.06 21.19 -3.94
C PHE A 60 -16.07 22.09 -4.65
N GLN A 61 -17.34 21.74 -4.54
CA GLN A 61 -18.39 22.50 -5.20
C GLN A 61 -18.54 23.90 -4.63
N ASP A 62 -18.17 24.09 -3.36
CA ASP A 62 -18.13 25.43 -2.77
C ASP A 62 -17.04 26.29 -3.40
N ARG A 63 -15.89 25.66 -3.66
CA ARG A 63 -14.71 26.36 -4.18
C ARG A 63 -14.82 26.56 -5.69
N PHE A 64 -15.45 25.59 -6.37
CA PHE A 64 -15.61 25.64 -7.81
C PHE A 64 -17.11 25.59 -8.13
N PRO A 65 -17.81 26.72 -7.95
CA PRO A 65 -19.27 26.73 -8.02
C PRO A 65 -19.86 26.42 -9.40
N THR A 66 -19.01 26.40 -10.42
CA THR A 66 -19.47 26.11 -11.77
C THR A 66 -19.34 24.62 -12.12
N LEU A 67 -18.76 23.85 -11.21
CA LEU A 67 -18.56 22.42 -11.44
C LEU A 67 -19.36 21.60 -10.43
N SER A 68 -19.91 20.49 -10.88
CA SER A 68 -20.54 19.54 -9.96
C SER A 68 -19.94 18.16 -10.15
N VAL A 69 -19.96 17.37 -9.08
CA VAL A 69 -19.38 16.03 -9.09
C VAL A 69 -20.43 15.01 -8.71
N LYS A 70 -20.45 13.91 -9.46
CA LYS A 70 -21.32 12.79 -9.15
C LYS A 70 -20.46 11.66 -8.58
N LEU A 71 -20.75 11.26 -7.35
CA LEU A 71 -20.05 10.15 -6.72
C LEU A 71 -20.73 8.85 -7.12
N ILE A 72 -19.98 8.01 -7.83
CA ILE A 72 -20.51 6.74 -8.33
C ILE A 72 -19.93 5.60 -7.51
N ASP A 73 -20.79 4.74 -6.98
CA ASP A 73 -20.33 3.50 -6.35
C ASP A 73 -19.92 2.54 -7.45
N ALA A 74 -18.61 2.46 -7.69
CA ALA A 74 -18.09 1.72 -8.84
C ALA A 74 -17.64 0.31 -8.46
N GLY A 75 -17.87 -0.09 -7.21
CA GLY A 75 -17.51 -1.44 -6.80
C GLY A 75 -17.25 -1.54 -5.32
N LYS A 76 -17.24 -2.77 -4.80
CA LYS A 76 -17.02 -2.98 -3.37
C LYS A 76 -15.53 -2.96 -3.03
N ASP A 77 -14.68 -3.10 -4.05
CA ASP A 77 -13.23 -3.08 -3.84
C ASP A 77 -12.54 -2.61 -5.11
N TYR A 78 -11.21 -2.51 -5.06
CA TYR A 78 -10.44 -1.97 -6.17
C TYR A 78 -10.54 -2.86 -7.41
N ASP A 79 -10.62 -4.17 -7.21
CA ASP A 79 -10.74 -5.09 -8.33
C ASP A 79 -12.02 -4.84 -9.11
N GLU A 80 -13.12 -4.58 -8.40
CA GLU A 80 -14.40 -4.33 -9.05
C GLU A 80 -14.40 -3.01 -9.80
N VAL A 81 -13.77 -1.99 -9.22
CA VAL A 81 -13.68 -0.71 -9.92
C VAL A 81 -12.93 -0.89 -11.23
N ALA A 82 -11.84 -1.66 -11.18
CA ALA A 82 -11.04 -1.90 -12.37
C ALA A 82 -11.85 -2.58 -13.48
N GLN A 83 -12.65 -3.58 -13.13
CA GLN A 83 -13.47 -4.26 -14.15
C GLN A 83 -14.54 -3.33 -14.72
N LYS A 84 -15.14 -2.50 -13.87
CA LYS A 84 -16.15 -1.57 -14.35
C LYS A 84 -15.52 -0.58 -15.32
N PHE A 85 -14.32 -0.10 -14.97
CA PHE A 85 -13.58 0.79 -15.85
C PHE A 85 -13.24 0.11 -17.17
N ASN A 86 -12.72 -1.12 -17.10
CA ASN A 86 -12.39 -1.87 -18.30
C ASN A 86 -13.57 -1.95 -19.27
N ALA A 87 -14.75 -2.26 -18.73
CA ALA A 87 -15.93 -2.40 -19.57
C ALA A 87 -16.35 -1.07 -20.19
N ALA A 88 -16.17 0.02 -19.44
CA ALA A 88 -16.60 1.33 -19.90
C ALA A 88 -15.72 1.83 -21.05
N LEU A 89 -14.52 1.29 -21.15
CA LEU A 89 -13.54 1.75 -22.13
C LEU A 89 -13.94 1.53 -23.59
N ILE A 90 -14.90 0.66 -23.86
CA ILE A 90 -15.37 0.46 -25.23
C ILE A 90 -16.05 1.72 -25.78
N GLY A 91 -16.73 2.45 -24.90
CA GLY A 91 -17.45 3.65 -25.30
C GLY A 91 -16.96 4.91 -24.61
N THR A 92 -17.82 5.91 -24.49
CA THR A 92 -17.44 7.19 -23.91
C THR A 92 -18.07 7.47 -22.54
N ASP A 93 -18.79 6.49 -21.99
CA ASP A 93 -19.32 6.61 -20.63
C ASP A 93 -18.26 6.19 -19.62
N VAL A 94 -17.04 6.69 -19.80
CA VAL A 94 -15.95 6.47 -18.86
C VAL A 94 -16.06 7.47 -17.73
N PRO A 95 -15.46 7.16 -16.57
CA PRO A 95 -15.39 8.14 -15.50
C PRO A 95 -14.48 9.30 -15.88
N ASP A 96 -14.65 10.44 -15.21
CA ASP A 96 -13.67 11.52 -15.31
C ASP A 96 -12.51 11.31 -14.37
N VAL A 97 -12.82 10.71 -13.22
CA VAL A 97 -11.84 10.45 -12.16
C VAL A 97 -12.10 9.03 -11.68
N VAL A 98 -11.05 8.20 -11.68
CA VAL A 98 -11.22 6.81 -11.30
C VAL A 98 -10.18 6.36 -10.28
N LEU A 99 -10.63 5.61 -9.28
CA LEU A 99 -9.76 5.10 -8.22
C LEU A 99 -9.10 3.78 -8.63
N LEU A 100 -7.78 3.80 -8.81
CA LEU A 100 -7.03 2.63 -9.26
C LEU A 100 -5.96 2.24 -8.25
N ASP A 101 -5.87 0.95 -7.93
CA ASP A 101 -4.91 0.53 -6.90
C ASP A 101 -3.48 0.41 -7.41
N ASP A 102 -2.60 -0.05 -6.52
CA ASP A 102 -1.18 -0.13 -6.79
C ASP A 102 -0.78 -1.06 -7.94
N ARG A 103 -1.69 -1.96 -8.33
CA ARG A 103 -1.42 -2.92 -9.40
C ARG A 103 -2.17 -2.54 -10.67
N TRP A 104 -3.39 -2.06 -10.49
CA TRP A 104 -4.23 -1.78 -11.65
C TRP A 104 -3.85 -0.53 -12.42
N TRP A 105 -3.28 0.47 -11.75
CA TRP A 105 -2.99 1.71 -12.47
C TRP A 105 -2.03 1.48 -13.64
N PHE A 106 -1.00 0.66 -13.43
CA PHE A 106 -0.02 0.44 -14.49
C PHE A 106 -0.63 -0.38 -15.62
N HIS A 107 -1.45 -1.36 -15.27
CA HIS A 107 -2.17 -2.13 -16.28
C HIS A 107 -2.88 -1.21 -17.27
N PHE A 108 -3.60 -0.22 -16.74
CA PHE A 108 -4.29 0.71 -17.61
C PHE A 108 -3.37 1.74 -18.28
N ALA A 109 -2.37 2.25 -17.55
CA ALA A 109 -1.43 3.20 -18.13
C ALA A 109 -0.70 2.59 -19.32
N LEU A 110 -0.24 1.35 -19.17
CA LEU A 110 0.48 0.67 -20.25
C LEU A 110 -0.40 0.49 -21.48
N SER A 111 -1.70 0.30 -21.25
CA SER A 111 -2.65 0.10 -22.36
C SER A 111 -3.00 1.39 -23.09
N GLY A 112 -2.53 2.52 -22.55
CA GLY A 112 -2.72 3.82 -23.21
C GLY A 112 -4.02 4.51 -22.88
N VAL A 113 -4.73 4.03 -21.86
CA VAL A 113 -6.05 4.58 -21.55
C VAL A 113 -6.08 5.59 -20.39
N LEU A 114 -4.90 5.93 -19.85
CA LEU A 114 -4.81 6.97 -18.81
C LEU A 114 -4.03 8.19 -19.30
N THR A 115 -4.38 9.35 -18.77
CA THR A 115 -3.69 10.59 -19.09
C THR A 115 -2.40 10.72 -18.27
N ALA A 116 -1.29 10.98 -18.95
CA ALA A 116 -0.07 11.39 -18.27
C ALA A 116 -0.29 12.80 -17.73
N LEU A 117 -0.09 12.98 -16.43
CA LEU A 117 -0.59 14.17 -15.72
C LEU A 117 0.36 15.36 -15.64
N ASP A 118 1.62 15.17 -16.02
CA ASP A 118 2.64 16.19 -15.72
C ASP A 118 2.38 17.56 -16.32
N ASP A 119 1.97 17.61 -17.57
CA ASP A 119 1.66 18.88 -18.21
C ASP A 119 0.50 19.56 -17.50
N LEU A 120 -0.54 18.78 -17.20
CA LEU A 120 -1.69 19.31 -16.45
C LEU A 120 -1.32 19.80 -15.05
N PHE A 121 -0.45 19.07 -14.36
CA PHE A 121 0.07 19.51 -13.05
C PHE A 121 0.57 20.95 -13.15
N GLY A 122 1.38 21.21 -14.18
CA GLY A 122 2.01 22.50 -14.34
C GLY A 122 1.04 23.57 -14.83
N GLN A 123 0.01 23.16 -15.54
CA GLN A 123 -0.98 24.09 -16.07
C GLN A 123 -1.91 24.57 -14.96
N VAL A 124 -2.32 23.64 -14.11
CA VAL A 124 -3.27 23.90 -13.03
C VAL A 124 -2.53 24.43 -11.79
N GLY A 125 -1.22 24.21 -11.74
CA GLY A 125 -0.41 24.70 -10.63
C GLY A 125 -0.47 23.79 -9.40
N VAL A 126 -0.47 22.49 -9.62
CA VAL A 126 -0.47 21.54 -8.52
C VAL A 126 0.89 21.57 -7.82
N ASP A 127 0.89 21.70 -6.49
CA ASP A 127 2.12 21.76 -5.71
C ASP A 127 2.67 20.34 -5.51
N THR A 128 3.26 19.79 -6.57
CA THR A 128 3.68 18.40 -6.58
C THR A 128 4.78 18.09 -5.56
N THR A 129 5.64 19.06 -5.28
CA THR A 129 6.71 18.83 -4.30
C THR A 129 6.17 18.71 -2.87
N ASP A 130 4.91 19.10 -2.65
CA ASP A 130 4.29 18.93 -1.34
C ASP A 130 3.57 17.59 -1.17
N TYR A 131 3.55 16.76 -2.21
CA TYR A 131 3.10 15.37 -2.01
C TYR A 131 4.25 14.57 -1.42
N VAL A 132 3.91 13.69 -0.48
CA VAL A 132 4.88 12.75 0.10
C VAL A 132 5.62 12.10 -1.07
N ASP A 133 6.94 12.11 -1.01
CA ASP A 133 7.76 11.75 -2.17
C ASP A 133 7.41 10.38 -2.74
N SER A 134 7.40 9.37 -1.88
CA SER A 134 7.15 8.01 -2.36
C SER A 134 5.73 7.86 -2.90
N LEU A 135 4.78 8.55 -2.27
CA LEU A 135 3.38 8.37 -2.64
C LEU A 135 3.08 8.90 -4.04
N LEU A 136 3.75 9.97 -4.44
CA LEU A 136 3.61 10.47 -5.80
C LEU A 136 4.47 9.65 -6.77
N ALA A 137 5.67 9.27 -6.34
CA ALA A 137 6.57 8.45 -7.17
C ALA A 137 5.98 7.09 -7.49
N ASP A 138 5.05 6.62 -6.66
CA ASP A 138 4.37 5.35 -6.90
C ASP A 138 3.70 5.28 -8.26
N TYR A 139 3.34 6.45 -8.83
CA TYR A 139 2.61 6.48 -10.09
C TYR A 139 3.45 6.98 -11.26
N GLU A 140 4.76 6.99 -11.06
CA GLU A 140 5.69 7.45 -12.09
C GLU A 140 6.18 6.28 -12.91
N PHE A 141 6.17 6.46 -14.23
CA PHE A 141 6.81 5.52 -15.11
C PHE A 141 7.40 6.25 -16.29
N ASN A 142 8.69 6.01 -16.54
CA ASN A 142 9.41 6.67 -17.62
C ASN A 142 9.31 8.20 -17.54
N GLY A 143 9.27 8.72 -16.32
CA GLY A 143 9.27 10.17 -16.12
C GLY A 143 7.91 10.83 -16.20
N ARG A 144 6.85 10.02 -16.31
CA ARG A 144 5.50 10.55 -16.38
C ARG A 144 4.66 9.99 -15.26
N HIS A 145 3.75 10.80 -14.73
CA HIS A 145 2.88 10.38 -13.63
C HIS A 145 1.47 10.13 -14.14
N TYR A 146 0.86 9.03 -13.68
CA TYR A 146 -0.45 8.62 -14.17
C TYR A 146 -1.57 8.64 -13.14
N ALA A 147 -1.25 8.98 -11.90
CA ALA A 147 -2.27 9.14 -10.87
C ALA A 147 -1.73 10.00 -9.73
N VAL A 148 -2.61 10.35 -8.81
CA VAL A 148 -2.28 11.13 -7.62
C VAL A 148 -2.69 10.28 -6.41
N PRO A 149 -1.83 10.17 -5.38
CA PRO A 149 -2.17 9.35 -4.22
C PRO A 149 -3.42 9.84 -3.50
N TYR A 150 -4.26 8.92 -3.03
CA TYR A 150 -5.54 9.27 -2.44
C TYR A 150 -5.81 8.50 -1.15
N ALA A 151 -5.87 7.17 -1.24
CA ALA A 151 -6.14 6.32 -0.09
C ALA A 151 -4.94 5.40 0.12
N ARG A 152 -3.95 5.88 0.87
CA ARG A 152 -2.65 5.23 0.95
C ARG A 152 -2.36 4.67 2.34
N SER A 153 -1.61 3.57 2.37
CA SER A 153 -1.28 2.86 3.58
C SER A 153 0.16 2.41 3.50
N THR A 154 0.70 1.92 4.62
CA THR A 154 1.98 1.20 4.62
C THR A 154 1.87 0.05 5.60
N PRO A 155 2.83 -0.88 5.56
CA PRO A 155 2.89 -1.83 6.68
C PRO A 155 3.35 -1.13 7.96
N LEU A 156 3.03 -1.76 9.08
CA LEU A 156 3.37 -1.25 10.40
C LEU A 156 3.69 -2.45 11.28
N PHE A 157 4.62 -2.29 12.22
CA PHE A 157 5.01 -3.37 13.13
C PHE A 157 4.24 -3.21 14.44
N TYR A 158 3.31 -4.12 14.69
CA TYR A 158 2.51 -4.09 15.90
C TYR A 158 3.11 -5.01 16.94
N TYR A 159 3.15 -4.57 18.20
CA TYR A 159 3.68 -5.42 19.26
C TYR A 159 2.91 -5.34 20.57
N ASN A 160 2.83 -6.49 21.23
CA ASN A 160 2.14 -6.67 22.50
C ASN A 160 3.11 -6.30 23.62
N LYS A 161 2.79 -5.23 24.36
CA LYS A 161 3.72 -4.73 25.37
C LYS A 161 3.87 -5.66 26.57
N ALA A 162 2.82 -6.39 26.91
CA ALA A 162 2.93 -7.37 28.00
C ALA A 162 3.92 -8.47 27.63
N ALA A 163 3.86 -8.93 26.38
CA ALA A 163 4.80 -9.96 25.92
C ALA A 163 6.22 -9.41 25.90
N TRP A 164 6.38 -8.18 25.38
CA TRP A 164 7.68 -7.52 25.34
C TRP A 164 8.28 -7.42 26.75
N GLN A 165 7.45 -7.04 27.72
CA GLN A 165 7.91 -6.88 29.09
C GLN A 165 8.33 -8.22 29.70
N GLN A 166 7.53 -9.25 29.46
CA GLN A 166 7.85 -10.57 30.01
C GLN A 166 9.11 -11.14 29.41
N ALA A 167 9.36 -10.81 28.14
CA ALA A 167 10.55 -11.26 27.43
C ALA A 167 11.79 -10.40 27.74
N GLY A 168 11.61 -9.35 28.54
CA GLY A 168 12.74 -8.49 28.92
C GLY A 168 13.25 -7.60 27.79
N LEU A 169 12.38 -7.28 26.85
CA LEU A 169 12.76 -6.47 25.71
C LEU A 169 12.60 -4.97 26.00
N PRO A 170 13.39 -4.14 25.32
CA PRO A 170 13.16 -2.69 25.43
C PRO A 170 11.82 -2.33 24.78
N ASP A 171 11.22 -1.23 25.21
CA ASP A 171 9.89 -0.85 24.70
C ASP A 171 10.02 -0.15 23.35
N ARG A 172 10.26 -0.94 22.31
CA ARG A 172 10.40 -0.45 20.95
C ARG A 172 10.30 -1.62 20.01
N GLY A 173 10.05 -1.34 18.73
CA GLY A 173 10.18 -2.37 17.73
C GLY A 173 11.64 -2.72 17.53
N PRO A 174 11.90 -3.82 16.80
CA PRO A 174 13.28 -4.22 16.53
C PRO A 174 14.01 -3.24 15.61
N GLN A 175 15.31 -3.08 15.84
CA GLN A 175 16.18 -2.22 15.05
C GLN A 175 16.54 -2.85 13.72
N SER A 176 16.54 -4.18 13.69
CA SER A 176 16.80 -4.93 12.46
C SER A 176 15.98 -6.20 12.52
N TRP A 177 15.73 -6.80 11.36
CA TRP A 177 15.06 -8.08 11.35
C TRP A 177 15.89 -9.16 12.06
N SER A 178 17.22 -9.05 11.98
CA SER A 178 18.07 -10.02 12.67
C SER A 178 17.99 -9.89 14.18
N GLU A 179 17.86 -8.66 14.69
CA GLU A 179 17.60 -8.49 16.13
C GLU A 179 16.26 -9.14 16.50
N PHE A 180 15.23 -8.90 15.68
CA PHE A 180 13.95 -9.50 15.97
C PHE A 180 14.03 -11.02 16.00
N ASP A 181 14.78 -11.58 15.06
CA ASP A 181 14.94 -13.02 15.00
C ASP A 181 15.62 -13.57 16.26
N GLU A 182 16.50 -12.78 16.86
CA GLU A 182 17.09 -13.13 18.13
C GLU A 182 16.06 -13.08 19.26
N TRP A 183 15.19 -12.08 19.23
CA TRP A 183 14.12 -11.94 20.22
C TRP A 183 13.05 -13.04 20.13
N GLY A 184 12.85 -13.58 18.93
CA GLY A 184 11.73 -14.46 18.64
C GLY A 184 11.53 -15.61 19.62
N PRO A 185 12.58 -16.42 19.84
CA PRO A 185 12.41 -17.59 20.72
C PRO A 185 12.04 -17.20 22.16
N GLU A 186 12.55 -16.09 22.67
CA GLU A 186 12.15 -15.66 24.00
C GLU A 186 10.69 -15.22 24.02
N LEU A 187 10.28 -14.48 23.00
CA LEU A 187 8.87 -14.12 22.88
C LEU A 187 7.99 -15.36 22.79
N GLN A 188 8.45 -16.40 22.08
CA GLN A 188 7.69 -17.64 22.00
C GLN A 188 7.52 -18.30 23.38
N ARG A 189 8.59 -18.29 24.18
CA ARG A 189 8.50 -18.82 25.54
C ARG A 189 7.44 -18.08 26.33
N VAL A 190 7.41 -16.75 26.21
CA VAL A 190 6.51 -16.00 27.09
C VAL A 190 5.06 -16.00 26.64
N VAL A 191 4.78 -16.31 25.36
CA VAL A 191 3.37 -16.41 24.97
C VAL A 191 2.77 -17.79 25.26
N GLY A 192 3.60 -18.83 25.29
CA GLY A 192 3.12 -20.15 25.64
C GLY A 192 2.57 -20.97 24.47
N ALA A 193 1.97 -22.10 24.80
CA ALA A 193 1.49 -23.06 23.80
C ALA A 193 0.29 -22.52 23.03
N GLY A 194 0.22 -22.81 21.73
CA GLY A 194 -0.91 -22.40 20.93
C GLY A 194 -0.91 -20.93 20.52
N ARG A 195 0.16 -20.21 20.84
CA ARG A 195 0.33 -18.82 20.44
C ARG A 195 1.69 -18.69 19.75
N SER A 196 1.96 -17.53 19.14
CA SER A 196 3.22 -17.31 18.44
C SER A 196 3.80 -15.95 18.77
N ALA A 197 5.13 -15.86 18.69
CA ALA A 197 5.83 -14.59 18.86
C ALA A 197 5.51 -13.61 17.74
N HIS A 198 5.29 -14.14 16.54
CA HIS A 198 5.12 -13.30 15.35
C HIS A 198 4.18 -14.01 14.39
N GLY A 199 3.29 -13.24 13.77
CA GLY A 199 2.48 -13.78 12.68
C GLY A 199 2.83 -13.09 11.39
N TRP A 200 2.99 -13.89 10.34
CA TRP A 200 3.15 -13.41 8.97
C TRP A 200 1.80 -13.48 8.28
N ALA A 201 1.51 -12.49 7.43
CA ALA A 201 0.27 -12.51 6.67
C ALA A 201 0.21 -13.74 5.76
N ASN A 202 -1.00 -14.15 5.40
CA ASN A 202 -1.18 -15.24 4.43
C ASN A 202 -1.11 -14.72 3.00
N ALA A 203 -1.56 -15.53 2.04
CA ALA A 203 -1.39 -15.19 0.64
C ALA A 203 -2.16 -13.94 0.19
N ASP A 204 -3.05 -13.43 1.04
CA ASP A 204 -3.73 -12.19 0.67
C ASP A 204 -2.89 -10.93 0.84
N LEU A 205 -1.80 -11.01 1.59
CA LEU A 205 -0.99 -9.82 1.85
C LEU A 205 0.51 -10.04 1.96
N ILE A 206 0.96 -11.29 1.98
CA ILE A 206 2.36 -11.55 2.30
C ILE A 206 3.36 -11.00 1.26
N SER A 207 3.02 -10.99 -0.02
CA SER A 207 3.99 -10.39 -0.96
C SER A 207 4.18 -8.89 -0.68
N TRP A 208 3.16 -8.25 -0.13
CA TRP A 208 3.28 -6.84 0.26
C TRP A 208 4.12 -6.67 1.51
N THR A 209 3.80 -7.41 2.56
CA THR A 209 4.48 -7.23 3.84
C THR A 209 5.90 -7.81 3.86
N PHE A 210 6.16 -8.85 3.07
CA PHE A 210 7.51 -9.43 3.02
C PHE A 210 8.47 -8.54 2.24
N GLN A 211 7.93 -7.63 1.44
CA GLN A 211 8.75 -6.76 0.62
C GLN A 211 9.76 -6.00 1.47
N GLY A 212 9.31 -5.57 2.65
CA GLY A 212 10.16 -4.82 3.55
C GLY A 212 11.36 -5.60 4.06
N PRO A 213 11.13 -6.73 4.75
CA PRO A 213 12.28 -7.52 5.20
C PRO A 213 13.17 -7.96 4.05
N ASN A 214 12.60 -8.28 2.90
CA ASN A 214 13.41 -8.62 1.75
C ASN A 214 14.39 -7.48 1.43
N TRP A 215 13.86 -6.28 1.26
CA TRP A 215 14.71 -5.10 1.02
C TRP A 215 15.73 -4.87 2.14
N ALA A 216 15.30 -5.06 3.40
CA ALA A 216 16.19 -4.83 4.53
C ALA A 216 17.41 -5.75 4.50
N PHE A 217 17.24 -6.92 3.92
CA PHE A 217 18.31 -7.91 3.79
C PHE A 217 19.05 -7.81 2.47
N GLY A 218 18.71 -6.80 1.66
CA GLY A 218 19.38 -6.57 0.40
C GLY A 218 18.77 -7.32 -0.77
N GLY A 219 17.65 -7.99 -0.54
CA GLY A 219 16.94 -8.68 -1.59
C GLY A 219 15.93 -7.81 -2.30
N ALA A 220 15.30 -8.38 -3.33
CA ALA A 220 14.19 -7.73 -4.02
C ALA A 220 13.52 -8.77 -4.89
N TYR A 221 12.25 -8.57 -5.21
CA TYR A 221 11.60 -9.44 -6.19
C TYR A 221 12.16 -9.14 -7.59
N SER A 222 12.48 -7.88 -7.82
CA SER A 222 13.01 -7.43 -9.10
C SER A 222 13.76 -6.12 -8.90
N ASP A 223 14.65 -5.84 -9.83
CA ASP A 223 15.35 -4.57 -9.94
C ASP A 223 14.91 -4.02 -11.29
N LYS A 224 13.99 -3.05 -11.25
CA LYS A 224 13.25 -2.65 -12.45
C LYS A 224 12.63 -3.89 -13.12
N TRP A 225 12.89 -4.11 -14.40
CA TRP A 225 12.29 -5.25 -15.11
C TRP A 225 13.05 -6.56 -14.97
N THR A 226 14.17 -6.53 -14.26
CA THR A 226 15.03 -7.71 -14.11
C THR A 226 14.67 -8.45 -12.83
N LEU A 227 14.16 -9.67 -13.00
CA LEU A 227 13.73 -10.46 -11.84
C LEU A 227 14.94 -10.90 -11.01
N THR A 228 14.79 -10.84 -9.69
CA THR A 228 15.92 -11.10 -8.78
C THR A 228 15.52 -12.01 -7.62
N LEU A 229 14.46 -12.80 -7.81
CA LEU A 229 14.03 -13.75 -6.80
C LEU A 229 15.09 -14.81 -6.51
N THR A 230 15.91 -15.14 -7.51
CA THR A 230 16.90 -16.19 -7.32
C THR A 230 18.29 -15.66 -6.94
N GLU A 231 18.40 -14.35 -6.75
CA GLU A 231 19.67 -13.78 -6.31
C GLU A 231 19.92 -14.15 -4.85
N PRO A 232 21.20 -14.30 -4.47
CA PRO A 232 21.51 -14.81 -3.13
C PRO A 232 20.88 -14.01 -1.98
N ALA A 233 20.83 -12.69 -2.06
CA ALA A 233 20.26 -11.92 -0.96
C ALA A 233 18.76 -12.17 -0.80
N THR A 234 18.06 -12.36 -1.92
CA THR A 234 16.63 -12.62 -1.88
C THR A 234 16.35 -14.01 -1.33
N ILE A 235 17.12 -15.00 -1.78
CA ILE A 235 16.98 -16.34 -1.22
C ILE A 235 17.27 -16.34 0.29
N ALA A 236 18.27 -15.57 0.71
CA ALA A 236 18.57 -15.46 2.14
C ALA A 236 17.41 -14.87 2.94
N ALA A 237 16.78 -13.81 2.40
CA ALA A 237 15.60 -13.25 3.04
C ALA A 237 14.46 -14.28 3.10
N GLY A 238 14.29 -15.04 2.02
CA GLY A 238 13.31 -16.12 2.01
C GLY A 238 13.57 -17.13 3.10
N ASN A 239 14.84 -17.47 3.31
CA ASN A 239 15.20 -18.41 4.37
C ASN A 239 15.04 -17.85 5.77
N PHE A 240 15.24 -16.54 5.93
CA PHE A 240 14.94 -15.88 7.19
C PHE A 240 13.47 -16.11 7.56
N TYR A 241 12.60 -15.87 6.59
CA TYR A 241 11.17 -16.08 6.74
C TYR A 241 10.85 -17.54 7.01
N ARG A 242 11.39 -18.45 6.19
CA ARG A 242 11.11 -19.87 6.38
C ARG A 242 11.58 -20.35 7.75
N ASN A 243 12.77 -19.92 8.17
CA ASN A 243 13.31 -20.36 9.44
C ASN A 243 12.54 -19.80 10.62
N SER A 244 11.99 -18.60 10.47
CA SER A 244 11.21 -18.03 11.56
C SER A 244 10.01 -18.93 11.89
N ILE A 245 9.47 -19.56 10.85
CA ILE A 245 8.27 -20.38 11.00
C ILE A 245 8.60 -21.82 11.32
N HIS A 246 9.66 -22.34 10.73
CA HIS A 246 9.97 -23.75 10.85
C HIS A 246 11.13 -23.99 11.80
N GLY A 247 12.35 -23.64 11.40
CA GLY A 247 13.54 -23.95 12.16
C GLY A 247 13.54 -23.47 13.60
N LYS A 248 13.36 -22.17 13.80
CA LYS A 248 13.26 -21.60 15.14
C LYS A 248 11.82 -21.71 15.63
N GLY A 249 10.87 -21.42 14.74
CA GLY A 249 9.48 -21.73 14.98
C GLY A 249 8.66 -20.72 15.75
N TYR A 250 9.23 -19.56 16.02
CA TYR A 250 8.52 -18.55 16.82
C TYR A 250 7.47 -17.81 16.01
N ALA A 251 7.43 -18.04 14.70
CA ALA A 251 6.48 -17.37 13.84
C ALA A 251 5.50 -18.36 13.20
N ALA A 252 4.36 -17.84 12.76
CA ALA A 252 3.32 -18.62 12.12
C ALA A 252 2.69 -17.82 10.99
N VAL A 253 2.08 -18.51 10.04
CA VAL A 253 1.26 -17.84 9.04
C VAL A 253 -0.13 -17.63 9.64
N ALA A 254 -0.58 -16.38 9.60
CA ALA A 254 -1.85 -16.02 10.24
C ALA A 254 -2.90 -15.81 9.17
N ASN A 255 -4.12 -16.27 9.40
CA ASN A 255 -5.18 -16.02 8.44
C ASN A 255 -5.69 -14.58 8.52
N ASP A 256 -6.29 -14.23 9.65
CA ASP A 256 -6.76 -12.86 9.85
C ASP A 256 -5.76 -12.19 10.78
N ILE A 257 -4.70 -11.64 10.20
CA ILE A 257 -3.56 -11.20 10.99
C ILE A 257 -3.88 -10.11 12.01
N ALA A 258 -4.68 -9.12 11.61
CA ALA A 258 -5.03 -8.03 12.51
C ALA A 258 -5.81 -8.57 13.70
N ASN A 259 -6.75 -9.44 13.42
CA ASN A 259 -7.54 -10.07 14.46
C ASN A 259 -6.72 -11.03 15.36
N GLU A 260 -5.81 -11.78 14.77
CA GLU A 260 -4.97 -12.67 15.57
C GLU A 260 -4.06 -11.88 16.50
N PHE A 261 -3.60 -10.72 16.04
CA PHE A 261 -2.85 -9.84 16.92
C PHE A 261 -3.74 -9.26 18.02
N ALA A 262 -4.88 -8.68 17.62
CA ALA A 262 -5.75 -7.99 18.56
C ALA A 262 -6.32 -8.89 19.66
N THR A 263 -6.47 -10.18 19.36
CA THR A 263 -7.03 -11.11 20.35
C THR A 263 -5.94 -11.78 21.17
N GLY A 264 -4.68 -11.50 20.85
CA GLY A 264 -3.58 -11.98 21.67
C GLY A 264 -2.93 -13.28 21.23
N ILE A 265 -3.30 -13.80 20.06
CA ILE A 265 -2.71 -15.04 19.57
C ILE A 265 -1.24 -14.82 19.14
N LEU A 266 -0.97 -13.62 18.62
CA LEU A 266 0.37 -13.25 18.12
C LEU A 266 0.94 -12.13 18.99
N ALA A 267 2.19 -12.27 19.43
CA ALA A 267 2.83 -11.20 20.19
C ALA A 267 3.18 -9.98 19.32
N SER A 268 3.27 -10.21 18.02
CA SER A 268 3.62 -9.15 17.08
C SER A 268 3.24 -9.55 15.67
N ALA A 269 3.19 -8.57 14.77
CA ALA A 269 2.77 -8.79 13.40
C ALA A 269 3.05 -7.57 12.58
N VAL A 270 3.41 -7.77 11.30
CA VAL A 270 3.41 -6.69 10.33
C VAL A 270 2.08 -6.72 9.59
N ALA A 271 1.32 -5.64 9.73
CA ALA A 271 0.02 -5.53 9.09
C ALA A 271 -0.15 -4.10 8.60
N SER A 272 -1.24 -3.82 7.91
CA SER A 272 -1.44 -2.49 7.37
C SER A 272 -1.68 -1.45 8.44
N THR A 273 -1.25 -0.22 8.17
CA THR A 273 -1.69 0.94 8.95
C THR A 273 -3.22 1.04 8.94
N GLY A 274 -3.85 0.48 7.91
CA GLY A 274 -5.30 0.49 7.81
C GLY A 274 -5.99 -0.33 8.88
N SER A 275 -5.23 -1.19 9.55
CA SER A 275 -5.76 -2.03 10.61
C SER A 275 -5.64 -1.39 11.99
N LEU A 276 -5.00 -0.22 12.06
CA LEU A 276 -4.73 0.40 13.36
C LEU A 276 -5.99 0.70 14.15
N ALA A 277 -7.00 1.29 13.51
CA ALA A 277 -8.23 1.63 14.23
C ALA A 277 -8.93 0.39 14.78
N GLY A 278 -8.98 -0.68 13.98
CA GLY A 278 -9.63 -1.91 14.40
C GLY A 278 -8.91 -2.59 15.55
N ILE A 279 -7.59 -2.64 15.48
CA ILE A 279 -6.79 -3.21 16.56
C ILE A 279 -6.95 -2.39 17.84
N THR A 280 -6.94 -1.06 17.70
CA THR A 280 -7.11 -0.19 18.86
C THR A 280 -8.45 -0.46 19.55
N ALA A 281 -9.49 -0.66 18.76
CA ALA A 281 -10.83 -0.88 19.30
C ALA A 281 -11.01 -2.25 19.96
N SER A 282 -10.23 -3.23 19.52
CA SER A 282 -10.41 -4.63 19.93
C SER A 282 -9.42 -5.12 20.98
N ALA A 283 -8.21 -4.58 20.98
CA ALA A 283 -7.16 -5.07 21.87
C ALA A 283 -7.45 -4.74 23.34
N ARG A 284 -7.32 -5.75 24.19
CA ARG A 284 -7.56 -5.56 25.62
C ARG A 284 -6.24 -5.66 26.38
N PHE A 285 -5.16 -5.26 25.72
CA PHE A 285 -3.83 -5.18 26.30
C PHE A 285 -3.14 -3.96 25.72
N ASP A 286 -2.08 -3.51 26.37
CA ASP A 286 -1.30 -2.38 25.89
C ASP A 286 -0.48 -2.83 24.69
N PHE A 287 -0.56 -2.10 23.59
CA PHE A 287 0.23 -2.45 22.42
C PHE A 287 0.97 -1.24 21.87
N GLY A 288 2.06 -1.52 21.17
CA GLY A 288 2.82 -0.48 20.49
C GLY A 288 2.74 -0.63 18.98
N ALA A 289 3.04 0.48 18.31
CA ALA A 289 3.24 0.49 16.87
C ALA A 289 4.65 1.00 16.63
N ALA A 290 5.34 0.37 15.69
CA ALA A 290 6.71 0.74 15.35
C ALA A 290 6.87 0.74 13.84
N PRO A 291 7.77 1.57 13.33
CA PRO A 291 8.09 1.46 11.91
C PRO A 291 8.79 0.12 11.66
N LEU A 292 8.73 -0.35 10.43
CA LEU A 292 9.48 -1.55 10.09
C LEU A 292 10.97 -1.26 10.25
N PRO A 293 11.76 -2.29 10.59
CA PRO A 293 13.22 -2.10 10.59
C PRO A 293 13.71 -1.59 9.24
N THR A 294 14.66 -0.68 9.26
CA THR A 294 15.27 -0.22 8.03
C THR A 294 16.37 -1.18 7.61
N GLY A 295 16.93 -0.96 6.42
CA GLY A 295 18.15 -1.64 6.04
C GLY A 295 19.34 -0.89 6.62
N PRO A 296 20.54 -1.25 6.18
CA PRO A 296 21.77 -0.58 6.66
C PRO A 296 21.73 0.91 6.37
N ASP A 297 22.31 1.71 7.26
CA ASP A 297 22.33 3.17 7.10
C ASP A 297 20.95 3.77 6.92
N ALA A 298 19.98 3.22 7.62
CA ALA A 298 18.60 3.69 7.59
C ALA A 298 18.00 3.66 6.19
N ALA A 299 18.46 2.74 5.35
CA ALA A 299 17.88 2.58 4.01
C ALA A 299 16.41 2.17 4.12
N PRO A 300 15.54 2.81 3.32
CA PRO A 300 14.11 2.51 3.40
C PRO A 300 13.81 1.04 3.12
N ALA A 301 13.02 0.43 4.00
CA ALA A 301 12.67 -0.98 3.84
C ALA A 301 11.21 -1.18 4.19
N CYS A 302 10.39 -0.25 3.71
CA CYS A 302 8.96 -0.28 3.96
C CYS A 302 8.24 0.20 2.70
N PRO A 303 7.35 -0.64 2.13
CA PRO A 303 6.62 -0.22 0.93
C PRO A 303 5.43 0.64 1.29
N THR A 304 4.84 1.24 0.27
CA THR A 304 3.54 1.87 0.42
C THR A 304 2.50 0.99 -0.24
N GLY A 305 1.22 1.34 -0.08
CA GLY A 305 0.13 0.57 -0.63
C GLY A 305 -1.10 1.42 -0.79
N GLY A 306 -2.15 0.83 -1.36
CA GLY A 306 -3.42 1.53 -1.53
C GLY A 306 -3.67 2.00 -2.95
N ALA A 307 -4.41 3.11 -3.09
CA ALA A 307 -4.93 3.52 -4.39
C ALA A 307 -4.84 5.02 -4.64
N GLY A 308 -4.79 5.35 -5.94
CA GLY A 308 -4.71 6.73 -6.37
C GLY A 308 -5.81 7.10 -7.35
N LEU A 309 -5.87 8.38 -7.70
CA LEU A 309 -6.89 8.88 -8.62
C LEU A 309 -6.28 9.18 -9.98
N ALA A 310 -6.90 8.64 -11.03
CA ALA A 310 -6.40 8.79 -12.40
C ALA A 310 -7.47 9.41 -13.30
N ILE A 311 -7.03 9.94 -14.44
CA ILE A 311 -7.91 10.59 -15.40
C ILE A 311 -7.81 9.84 -16.73
N PRO A 312 -8.93 9.24 -17.19
CA PRO A 312 -8.89 8.53 -18.47
C PRO A 312 -8.45 9.40 -19.65
N ALA A 313 -7.75 8.78 -20.58
CA ALA A 313 -7.24 9.48 -21.76
C ALA A 313 -8.34 9.95 -22.70
N LYS A 314 -9.48 9.26 -22.71
CA LYS A 314 -10.53 9.59 -23.69
C LYS A 314 -11.54 10.62 -23.21
N LEU A 315 -11.03 11.63 -22.50
CA LEU A 315 -11.82 12.80 -22.14
C LEU A 315 -11.40 13.95 -23.04
N SER A 316 -12.30 14.90 -23.28
CA SER A 316 -11.91 16.15 -23.91
C SER A 316 -10.89 16.86 -23.01
N GLU A 317 -10.11 17.77 -23.60
CA GLU A 317 -9.13 18.52 -22.81
C GLU A 317 -9.78 19.29 -21.68
N GLU A 318 -10.92 19.92 -21.94
CA GLU A 318 -11.64 20.66 -20.91
C GLU A 318 -12.01 19.76 -19.73
N ARG A 319 -12.52 18.56 -20.03
CA ARG A 319 -12.89 17.64 -18.97
C ARG A 319 -11.67 17.14 -18.19
N LYS A 320 -10.53 16.99 -18.86
CA LYS A 320 -9.32 16.58 -18.16
C LYS A 320 -8.87 17.63 -17.15
N VAL A 321 -8.91 18.90 -17.56
CA VAL A 321 -8.57 19.99 -16.67
C VAL A 321 -9.49 19.98 -15.44
N ASN A 322 -10.79 19.85 -15.66
CA ASN A 322 -11.72 19.84 -14.53
C ASN A 322 -11.51 18.65 -13.61
N ALA A 323 -11.21 17.50 -14.20
CA ALA A 323 -10.93 16.30 -13.44
C ALA A 323 -9.71 16.50 -12.54
N LEU A 324 -8.66 17.13 -13.06
CA LEU A 324 -7.48 17.39 -12.26
C LEU A 324 -7.72 18.42 -11.16
N LYS A 325 -8.53 19.44 -11.46
CA LYS A 325 -8.92 20.40 -10.43
C LYS A 325 -9.56 19.67 -9.24
N PHE A 326 -10.42 18.71 -9.55
CA PHE A 326 -11.04 17.92 -8.49
C PHE A 326 -10.02 17.08 -7.72
N ILE A 327 -9.20 16.34 -8.46
CA ILE A 327 -8.20 15.48 -7.83
C ILE A 327 -7.24 16.28 -6.96
N ALA A 328 -6.76 17.40 -7.48
CA ALA A 328 -5.82 18.23 -6.73
C ALA A 328 -6.48 18.82 -5.49
N PHE A 329 -7.75 19.18 -5.61
CA PHE A 329 -8.46 19.77 -4.48
C PHE A 329 -8.68 18.77 -3.35
N VAL A 330 -9.19 17.59 -3.68
CA VAL A 330 -9.53 16.64 -2.63
C VAL A 330 -8.30 16.03 -1.97
N THR A 331 -7.13 16.21 -2.60
CA THR A 331 -5.86 15.77 -2.02
C THR A 331 -4.99 16.95 -1.58
N ASN A 332 -5.62 18.11 -1.36
CA ASN A 332 -4.88 19.25 -0.83
C ASN A 332 -4.57 19.01 0.66
N PRO A 333 -3.74 19.86 1.29
CA PRO A 333 -3.31 19.51 2.65
C PRO A 333 -4.46 19.39 3.66
N THR A 334 -5.38 20.34 3.65
CA THR A 334 -6.56 20.32 4.51
C THR A 334 -7.39 19.07 4.27
N ASN A 335 -7.61 18.76 3.00
CA ASN A 335 -8.56 17.71 2.65
C ASN A 335 -7.99 16.31 2.83
N THR A 336 -6.71 16.11 2.55
CA THR A 336 -6.12 14.81 2.81
C THR A 336 -6.02 14.55 4.32
N ALA A 337 -5.79 15.61 5.10
CA ALA A 337 -5.81 15.48 6.55
C ALA A 337 -7.18 15.02 7.02
N TYR A 338 -8.22 15.68 6.52
CA TYR A 338 -9.60 15.30 6.83
C TYR A 338 -9.90 13.85 6.44
N PHE A 339 -9.54 13.48 5.21
CA PHE A 339 -9.77 12.12 4.74
C PHE A 339 -9.08 11.11 5.65
N SER A 340 -7.84 11.40 6.02
CA SER A 340 -7.06 10.56 6.92
C SER A 340 -7.75 10.39 8.28
N GLN A 341 -8.21 11.49 8.86
CA GLN A 341 -8.88 11.44 10.16
C GLN A 341 -10.15 10.62 10.12
N GLN A 342 -10.83 10.64 8.98
CA GLN A 342 -12.11 9.94 8.85
C GLN A 342 -11.97 8.46 8.51
N THR A 343 -10.85 8.07 7.90
CA THR A 343 -10.74 6.74 7.29
C THR A 343 -9.59 5.87 7.81
N GLY A 344 -8.54 6.49 8.32
CA GLY A 344 -7.37 5.75 8.75
C GLY A 344 -6.30 5.64 7.68
N TYR A 345 -6.60 6.09 6.47
CA TYR A 345 -5.56 6.23 5.44
C TYR A 345 -4.62 7.36 5.85
N LEU A 346 -3.47 7.43 5.21
CA LEU A 346 -2.43 8.36 5.60
C LEU A 346 -2.51 9.66 4.81
N PRO A 347 -2.22 10.82 5.44
CA PRO A 347 -2.22 12.08 4.69
C PRO A 347 -1.18 12.02 3.57
N VAL A 348 -1.54 12.47 2.38
CA VAL A 348 -0.66 12.31 1.22
C VAL A 348 0.19 13.56 0.95
N ARG A 349 0.02 14.60 1.77
CA ARG A 349 0.75 15.85 1.61
C ARG A 349 1.69 16.05 2.78
N LYS A 350 2.92 16.46 2.49
CA LYS A 350 3.91 16.74 3.53
C LYS A 350 3.41 17.78 4.51
N SER A 351 2.83 18.85 3.98
CA SER A 351 2.38 19.97 4.82
C SER A 351 1.09 19.71 5.57
N ALA A 352 0.51 18.52 5.44
CA ALA A 352 -0.69 18.22 6.22
C ALA A 352 -0.36 18.17 7.71
N VAL A 353 0.91 17.97 8.06
CA VAL A 353 1.34 18.00 9.46
C VAL A 353 1.15 19.38 10.08
N ASP A 354 1.07 20.41 9.25
CA ASP A 354 0.90 21.78 9.73
C ASP A 354 -0.56 22.20 9.82
N ASP A 355 -1.45 21.32 9.38
CA ASP A 355 -2.89 21.56 9.50
C ASP A 355 -3.29 21.52 10.97
N ALA A 356 -4.10 22.48 11.40
CA ALA A 356 -4.48 22.60 12.80
C ALA A 356 -5.20 21.35 13.34
N SER A 357 -6.19 20.87 12.58
CA SER A 357 -6.93 19.69 12.99
C SER A 357 -6.02 18.46 13.04
N GLU A 358 -5.09 18.37 12.09
CA GLU A 358 -4.16 17.25 12.05
C GLU A 358 -3.20 17.28 13.24
N ARG A 359 -2.74 18.47 13.62
CA ARG A 359 -1.84 18.59 14.76
C ARG A 359 -2.52 18.08 16.03
N HIS A 360 -3.79 18.46 16.20
CA HIS A 360 -4.60 18.02 17.32
C HIS A 360 -4.81 16.51 17.30
N TYR A 361 -5.10 15.98 16.12
CA TYR A 361 -5.34 14.54 15.94
C TYR A 361 -4.10 13.73 16.30
N LEU A 362 -2.95 14.16 15.81
CA LEU A 362 -1.69 13.46 16.05
C LEU A 362 -1.29 13.46 17.53
N ALA A 363 -1.56 14.56 18.21
CA ALA A 363 -1.26 14.68 19.63
C ALA A 363 -2.12 13.72 20.47
N ASP A 364 -3.34 13.48 20.00
CA ASP A 364 -4.27 12.58 20.67
C ASP A 364 -4.00 11.11 20.30
N ASN A 365 -3.33 10.90 19.17
CA ASN A 365 -3.14 9.57 18.61
C ASN A 365 -1.68 9.29 18.23
N PRO A 366 -0.82 9.02 19.23
CA PRO A 366 0.61 8.83 18.94
C PRO A 366 0.93 7.68 17.98
N ARG A 367 0.09 6.65 17.91
CA ARG A 367 0.39 5.55 17.00
C ARG A 367 0.06 5.96 15.56
N ALA A 368 -0.89 6.87 15.42
CA ALA A 368 -1.13 7.51 14.13
C ALA A 368 0.09 8.34 13.76
N ARG A 369 0.76 8.92 14.76
CA ARG A 369 2.01 9.65 14.49
C ARG A 369 3.16 8.73 14.07
N VAL A 370 3.26 7.54 14.66
CA VAL A 370 4.25 6.57 14.20
C VAL A 370 4.07 6.27 12.71
N ALA A 371 2.83 6.02 12.31
CA ALA A 371 2.53 5.75 10.90
C ALA A 371 2.90 6.92 10.01
N LEU A 372 2.59 8.14 10.47
CA LEU A 372 2.96 9.36 9.77
C LEU A 372 4.46 9.50 9.59
N ASP A 373 5.18 9.30 10.68
CA ASP A 373 6.61 9.54 10.69
C ASP A 373 7.40 8.56 9.83
N GLN A 374 6.80 7.42 9.52
CA GLN A 374 7.46 6.45 8.65
C GLN A 374 7.42 6.84 7.17
N LEU A 375 6.50 7.71 6.79
CA LEU A 375 6.33 8.06 5.36
C LEU A 375 7.59 8.50 4.58
N PRO A 376 8.48 9.31 5.18
CA PRO A 376 9.68 9.70 4.45
C PRO A 376 10.68 8.57 4.29
N HIS A 377 10.39 7.43 4.93
CA HIS A 377 11.31 6.30 4.95
C HIS A 377 10.71 5.09 4.24
N THR A 378 9.90 5.38 3.24
CA THR A 378 9.28 4.35 2.43
C THR A 378 9.91 4.30 1.04
N ARG A 379 9.63 3.21 0.32
CA ARG A 379 10.26 2.92 -0.96
C ARG A 379 9.15 2.45 -1.90
N THR A 380 9.22 2.84 -3.17
CA THR A 380 8.28 2.34 -4.17
C THR A 380 8.43 0.84 -4.37
N GLN A 381 7.34 0.18 -4.74
CA GLN A 381 7.31 -1.28 -4.78
C GLN A 381 8.06 -1.88 -5.96
N ASP A 382 8.47 -3.13 -5.80
CA ASP A 382 9.14 -3.86 -6.88
C ASP A 382 8.20 -4.04 -8.07
N TYR A 383 8.74 -3.86 -9.27
CA TYR A 383 7.93 -3.99 -10.49
C TYR A 383 7.28 -5.37 -10.57
N ALA A 384 7.97 -6.39 -10.08
CA ALA A 384 7.43 -7.76 -10.15
C ALA A 384 6.14 -7.92 -9.37
N ARG A 385 5.93 -7.08 -8.34
CA ARG A 385 4.67 -7.12 -7.59
C ARG A 385 3.58 -6.27 -8.23
N VAL A 386 3.92 -5.06 -8.64
CA VAL A 386 2.89 -4.09 -9.05
C VAL A 386 2.67 -3.86 -10.54
N PHE A 387 3.66 -4.19 -11.37
CA PHE A 387 3.55 -3.97 -12.83
C PHE A 387 3.42 -5.26 -13.63
N LEU A 388 3.76 -6.37 -13.00
CA LEU A 388 3.77 -7.67 -13.68
C LEU A 388 2.45 -8.35 -13.33
N PRO A 389 1.66 -8.71 -14.35
CA PRO A 389 0.32 -9.25 -14.12
C PRO A 389 0.30 -10.43 -13.16
N GLY A 390 -0.49 -10.31 -12.10
CA GLY A 390 -0.59 -11.34 -11.07
C GLY A 390 0.64 -11.55 -10.18
N GLY A 391 1.66 -10.70 -10.33
CA GLY A 391 2.89 -10.93 -9.59
C GLY A 391 2.69 -10.96 -8.08
N ASP A 392 1.85 -10.07 -7.58
CA ASP A 392 1.51 -10.08 -6.17
C ASP A 392 0.93 -11.42 -5.72
N ARG A 393 0.04 -11.98 -6.53
CA ARG A 393 -0.65 -13.21 -6.16
C ARG A 393 0.25 -14.43 -6.28
N ILE A 394 1.06 -14.46 -7.34
CA ILE A 394 1.97 -15.57 -7.58
C ILE A 394 3.09 -15.60 -6.53
N ILE A 395 3.69 -14.44 -6.26
CA ILE A 395 4.70 -14.37 -5.20
C ILE A 395 4.09 -14.73 -3.84
N SER A 396 2.91 -14.21 -3.54
CA SER A 396 2.25 -14.54 -2.28
C SER A 396 1.99 -16.02 -2.14
N ALA A 397 1.55 -16.67 -3.22
CA ALA A 397 1.28 -18.11 -3.15
C ALA A 397 2.56 -18.87 -2.83
N GLY A 398 3.68 -18.43 -3.40
CA GLY A 398 4.96 -19.08 -3.13
C GLY A 398 5.39 -18.90 -1.68
N LEU A 399 5.27 -17.68 -1.18
CA LEU A 399 5.60 -17.41 0.22
C LEU A 399 4.68 -18.19 1.15
N GLU A 400 3.41 -18.33 0.79
CA GLU A 400 2.49 -19.08 1.63
C GLU A 400 2.84 -20.57 1.63
N SER A 401 3.30 -21.08 0.50
N SER A 401 3.30 -21.09 0.50
CA SER A 401 3.74 -22.48 0.39
CA SER A 401 3.74 -22.48 0.43
C SER A 401 4.97 -22.74 1.26
C SER A 401 4.96 -22.73 1.31
N ILE A 402 5.92 -21.80 1.24
CA ILE A 402 7.09 -21.88 2.10
C ILE A 402 6.65 -21.85 3.56
N GLY A 403 5.71 -20.95 3.88
CA GLY A 403 5.23 -20.79 5.25
C GLY A 403 4.39 -21.94 5.78
N LEU A 404 3.38 -22.36 5.02
CA LEU A 404 2.46 -23.40 5.50
C LEU A 404 2.99 -24.81 5.34
N ARG A 405 3.76 -25.06 4.28
CA ARG A 405 4.16 -26.42 3.92
C ARG A 405 5.66 -26.64 4.00
N GLY A 406 6.39 -25.60 4.40
CA GLY A 406 7.83 -25.72 4.52
C GLY A 406 8.53 -25.95 3.20
N ALA A 407 7.94 -25.49 2.10
CA ALA A 407 8.57 -25.63 0.79
C ALA A 407 9.95 -25.00 0.80
N ASP A 408 10.84 -25.55 -0.02
CA ASP A 408 12.21 -25.07 -0.13
C ASP A 408 12.22 -23.69 -0.79
N VAL A 409 12.98 -22.76 -0.22
CA VAL A 409 13.03 -21.40 -0.76
C VAL A 409 13.62 -21.34 -2.17
N THR A 410 14.75 -21.98 -2.39
CA THR A 410 15.38 -21.94 -3.70
C THR A 410 14.49 -22.55 -4.78
N LYS A 411 13.92 -23.72 -4.49
CA LYS A 411 13.03 -24.36 -5.46
C LYS A 411 11.82 -23.48 -5.76
N THR A 412 11.22 -22.93 -4.70
CA THR A 412 10.01 -22.14 -4.85
C THR A 412 10.28 -20.85 -5.62
N PHE A 413 11.29 -20.11 -5.19
CA PHE A 413 11.64 -18.85 -5.86
C PHE A 413 12.08 -19.05 -7.32
N THR A 414 12.77 -20.17 -7.59
CA THR A 414 13.20 -20.46 -8.95
C THR A 414 12.01 -20.74 -9.87
N ASN A 415 11.07 -21.55 -9.40
CA ASN A 415 9.84 -21.86 -10.16
C ASN A 415 9.04 -20.59 -10.40
N ILE A 416 8.88 -19.79 -9.36
CA ILE A 416 8.13 -18.56 -9.48
C ILE A 416 8.78 -17.60 -10.46
N GLN A 417 10.11 -17.46 -10.37
CA GLN A 417 10.80 -16.56 -11.29
C GLN A 417 10.60 -16.97 -12.76
N LYS A 418 10.65 -18.27 -13.04
CA LYS A 418 10.43 -18.74 -14.40
C LYS A 418 9.03 -18.39 -14.89
N ARG A 419 8.03 -18.59 -14.02
CA ARG A 419 6.65 -18.27 -14.38
C ARG A 419 6.45 -16.78 -14.59
N LEU A 420 7.02 -15.98 -13.70
CA LEU A 420 6.93 -14.53 -13.81
C LEU A 420 7.62 -14.00 -15.06
N GLN A 421 8.75 -14.60 -15.42
CA GLN A 421 9.49 -14.17 -16.61
C GLN A 421 8.64 -14.37 -17.86
N VAL A 422 7.99 -15.53 -17.95
CA VAL A 422 7.12 -15.82 -19.09
C VAL A 422 5.97 -14.82 -19.18
N ILE A 423 5.33 -14.54 -18.04
CA ILE A 423 4.21 -13.60 -18.02
C ILE A 423 4.68 -12.18 -18.39
N LEU A 424 5.78 -11.75 -17.80
CA LEU A 424 6.32 -10.43 -18.08
C LEU A 424 6.64 -10.26 -19.56
N ASP A 425 7.33 -11.24 -20.14
CA ASP A 425 7.73 -11.14 -21.55
C ASP A 425 6.55 -11.23 -22.51
N ARG A 426 5.49 -11.93 -22.11
CA ARG A 426 4.35 -12.07 -23.01
C ARG A 426 3.32 -10.93 -22.89
N GLN A 427 3.20 -10.35 -21.69
CA GLN A 427 2.15 -9.35 -21.43
C GLN A 427 2.64 -7.90 -21.43
N ILE A 428 3.89 -7.68 -21.04
CA ILE A 428 4.35 -6.33 -20.74
C ILE A 428 5.43 -5.85 -21.69
N MET A 429 6.49 -6.65 -21.85
CA MET A 429 7.68 -6.14 -22.53
C MET A 429 7.45 -5.71 -23.98
N ARG A 430 6.61 -6.41 -24.72
CA ARG A 430 6.36 -5.99 -26.11
C ARG A 430 5.64 -4.64 -26.18
N LYS A 431 4.81 -4.36 -25.19
CA LYS A 431 4.01 -3.14 -25.20
C LYS A 431 4.81 -1.88 -24.89
N LEU A 432 6.06 -2.06 -24.44
CA LEU A 432 6.89 -0.93 -24.04
C LEU A 432 7.66 -0.23 -25.18
N ALA A 433 7.56 -0.71 -26.42
CA ALA A 433 8.30 -0.08 -27.52
C ALA A 433 7.90 1.38 -27.75
#